data_2PJS
#
_entry.id   2PJS
#
_cell.length_a   29.847
_cell.length_b   61.485
_cell.length_c   54.383
_cell.angle_alpha   90.00
_cell.angle_beta   92.57
_cell.angle_gamma   90.00
#
_symmetry.space_group_name_H-M   'P 1 21 1'
#
loop_
_entity.id
_entity.type
_entity.pdbx_description
1 polymer 'Uncharacterized protein Atu1953'
2 non-polymer 'ZINC ION'
3 water water
#
_entity_poly.entity_id   1
_entity_poly.type   'polypeptide(L)'
_entity_poly.pdbx_seq_one_letter_code
;QGH(MSE)AVRRVVANIATPEPARAQAFYGDILG(MSE)PVA(MSE)DHGWIVTHASPLEAHAQVSFAREGGSGTDVPDL
SIEVDNFDEVHARILKAGLPIEYGPVTEAWGVQRLFLRDPFGKLINILSHA
;
_entity_poly.pdbx_strand_id   A,B
#
# COMPACT_ATOMS: atom_id res chain seq x y z
N ALA A 5 11.33 -12.33 6.80
CA ALA A 5 11.37 -10.90 7.22
C ALA A 5 10.88 -10.04 6.07
N VAL A 6 9.91 -9.19 6.36
CA VAL A 6 9.28 -8.37 5.34
C VAL A 6 10.06 -7.08 5.15
N ARG A 7 10.41 -6.80 3.90
CA ARG A 7 11.29 -5.67 3.59
C ARG A 7 10.50 -4.44 3.10
N ARG A 8 9.46 -4.68 2.30
CA ARG A 8 8.61 -3.62 1.83
C ARG A 8 7.23 -4.19 1.51
N VAL A 9 6.23 -3.35 1.69
CA VAL A 9 4.91 -3.61 1.21
C VAL A 9 4.55 -2.46 0.28
N VAL A 10 4.14 -2.80 -0.95
CA VAL A 10 3.80 -1.87 -2.00
C VAL A 10 2.42 -2.16 -2.59
N ALA A 11 1.54 -1.17 -2.55
CA ALA A 11 0.21 -1.28 -3.15
C ALA A 11 0.40 -1.19 -4.66
N ASN A 12 -0.33 -2.01 -5.40
CA ASN A 12 -0.33 -1.91 -6.84
C ASN A 12 -1.69 -1.48 -7.29
N ILE A 13 -1.76 -0.44 -8.10
CA ILE A 13 -3.02 0.10 -8.62
C ILE A 13 -3.14 -0.29 -10.09
N ALA A 14 -4.24 -0.93 -10.47
CA ALA A 14 -4.38 -1.44 -11.83
C ALA A 14 -4.81 -0.31 -12.77
N THR A 15 -4.16 -0.23 -13.93
CA THR A 15 -4.50 0.78 -14.92
C THR A 15 -3.96 0.39 -16.29
N PRO A 16 -4.76 0.62 -17.34
CA PRO A 16 -4.18 0.38 -18.66
C PRO A 16 -3.07 1.36 -19.02
N GLU A 17 -2.92 2.44 -18.24
CA GLU A 17 -1.89 3.49 -18.57
C GLU A 17 -1.29 4.03 -17.31
N PRO A 18 -0.22 3.37 -16.83
CA PRO A 18 0.56 3.83 -15.68
C PRO A 18 0.97 5.28 -15.74
N ALA A 19 1.10 5.87 -16.95
CA ALA A 19 1.48 7.28 -17.07
C ALA A 19 0.49 8.23 -16.42
N ARG A 20 -0.76 7.78 -16.27
CA ARG A 20 -1.79 8.57 -15.59
C ARG A 20 -1.42 8.87 -14.09
N ALA A 21 -0.48 8.14 -13.52
CA ALA A 21 -0.10 8.38 -12.11
C ALA A 21 0.70 9.65 -11.97
N GLN A 22 1.35 10.08 -13.06
CA GLN A 22 2.33 11.15 -12.96
C GLN A 22 1.74 12.45 -12.41
N ALA A 23 0.54 12.79 -12.88
CA ALA A 23 -0.14 14.02 -12.47
C ALA A 23 -0.33 14.15 -10.95
N PHE A 24 -0.56 13.04 -10.27
CA PHE A 24 -0.88 13.08 -8.84
C PHE A 24 0.33 12.66 -8.02
N TYR A 25 0.82 11.44 -8.26
CA TYR A 25 1.90 10.92 -7.43
C TYR A 25 3.22 11.62 -7.71
N GLY A 26 3.42 12.00 -8.97
CA GLY A 26 4.63 12.66 -9.36
C GLY A 26 4.55 14.14 -9.09
N ASP A 27 3.53 14.80 -9.61
CA ASP A 27 3.54 16.26 -9.58
C ASP A 27 3.15 16.81 -8.21
N ILE A 28 2.02 16.34 -7.70
CA ILE A 28 1.48 16.83 -6.43
C ILE A 28 2.23 16.25 -5.24
N LEU A 29 2.48 14.93 -5.22
CA LEU A 29 3.08 14.28 -4.06
C LEU A 29 4.61 14.27 -4.18
N GLY A 30 5.15 14.58 -5.37
CA GLY A 30 6.62 14.78 -5.53
C GLY A 30 7.39 13.47 -5.41
N PRO A 32 9.18 10.91 -7.57
CA PRO A 32 9.61 10.58 -8.94
C PRO A 32 9.40 9.10 -9.29
N VAL A 33 9.34 8.78 -10.59
CA VAL A 33 9.33 7.38 -11.05
C VAL A 33 10.66 6.73 -10.65
N ALA A 34 10.58 5.58 -9.97
CA ALA A 34 11.80 4.90 -9.51
C ALA A 34 12.12 3.71 -10.43
N ASP A 36 10.51 1.78 -14.14
CA ASP A 36 9.57 1.80 -15.23
C ASP A 36 9.83 0.58 -16.09
N HIS A 37 9.02 -0.47 -15.94
CA HIS A 37 9.16 -1.69 -16.79
C HIS A 37 8.08 -1.72 -17.86
N GLY A 38 7.49 -0.56 -18.12
CA GLY A 38 6.43 -0.41 -19.13
C GLY A 38 5.05 -0.88 -18.68
N TRP A 39 4.90 -2.18 -18.46
CA TRP A 39 3.66 -2.73 -17.92
C TRP A 39 3.42 -2.35 -16.45
N ILE A 40 4.51 -1.97 -15.75
CA ILE A 40 4.41 -1.48 -14.36
C ILE A 40 5.35 -0.27 -14.17
N VAL A 41 4.89 0.72 -13.42
CA VAL A 41 5.70 1.88 -13.09
C VAL A 41 5.61 2.07 -11.59
N THR A 42 6.73 2.35 -10.94
CA THR A 42 6.70 2.60 -9.50
C THR A 42 7.11 4.03 -9.23
N HIS A 43 6.31 4.76 -8.45
CA HIS A 43 6.69 6.09 -7.99
C HIS A 43 7.24 5.95 -6.59
N ALA A 44 8.30 6.66 -6.25
CA ALA A 44 8.88 6.53 -4.92
C ALA A 44 9.33 7.87 -4.31
N SER A 45 9.30 7.94 -2.98
CA SER A 45 9.74 9.11 -2.28
C SER A 45 11.21 8.97 -2.04
N PRO A 46 11.94 10.09 -1.97
CA PRO A 46 13.31 10.10 -1.42
C PRO A 46 13.46 9.51 -0.02
N LEU A 47 12.36 9.29 0.70
CA LEU A 47 12.36 8.71 2.05
C LEU A 47 11.48 7.46 2.07
N GLU A 48 11.38 6.68 3.16
CA GLU A 48 12.30 5.69 3.72
C GLU A 48 11.55 5.34 5.00
N ALA A 49 10.81 4.24 4.98
CA ALA A 49 9.81 3.94 6.03
C ALA A 49 9.64 2.44 6.30
N HIS A 50 9.25 2.08 7.53
CA HIS A 50 8.95 0.69 7.87
C HIS A 50 7.85 0.10 7.00
N ALA A 51 7.98 -1.18 6.66
CA ALA A 51 6.96 -1.89 5.89
C ALA A 51 5.72 -2.16 6.76
N GLN A 52 4.56 -1.68 6.33
CA GLN A 52 3.37 -1.78 7.16
C GLN A 52 2.13 -1.88 6.29
N VAL A 53 1.05 -2.36 6.90
CA VAL A 53 -0.25 -2.51 6.21
C VAL A 53 -1.31 -2.39 7.31
N SER A 54 -2.43 -1.70 7.03
CA SER A 54 -3.38 -1.42 8.10
C SER A 54 -4.71 -2.07 7.74
N PHE A 55 -5.51 -2.38 8.77
CA PHE A 55 -6.76 -3.12 8.62
C PHE A 55 -7.76 -2.33 9.41
N ALA A 56 -8.85 -1.90 8.77
CA ALA A 56 -9.70 -0.90 9.40
C ALA A 56 -11.21 -1.11 9.14
N ARG A 57 -12.00 -0.89 10.15
CA ARG A 57 -13.45 -0.99 9.88
C ARG A 57 -14.07 0.32 9.34
N GLU A 58 -13.38 1.45 9.52
CA GLU A 58 -13.79 2.76 8.97
C GLU A 58 -12.52 3.60 8.85
N GLY A 59 -12.63 4.77 8.20
CA GLY A 59 -11.46 5.65 7.98
C GLY A 59 -11.20 6.57 9.17
N GLY A 60 -12.07 6.49 10.19
CA GLY A 60 -12.03 7.38 11.34
C GLY A 60 -12.96 8.57 11.17
N SER A 61 -13.54 9.02 12.29
CA SER A 61 -14.55 10.09 12.27
C SER A 61 -15.75 9.74 11.40
N GLY A 62 -15.91 8.43 11.21
CA GLY A 62 -17.05 7.88 10.48
C GLY A 62 -16.85 7.89 8.98
N THR A 63 -15.65 8.23 8.50
CA THR A 63 -15.36 8.19 7.05
C THR A 63 -15.25 6.75 6.52
N ASP A 64 -15.28 6.64 5.18
CA ASP A 64 -14.99 5.37 4.51
C ASP A 64 -13.52 5.07 4.69
N VAL A 65 -13.13 3.80 4.56
CA VAL A 65 -11.72 3.46 4.73
C VAL A 65 -11.01 3.98 3.49
N PRO A 66 -9.95 4.80 3.65
CA PRO A 66 -9.20 5.22 2.45
C PRO A 66 -8.41 4.04 1.90
N ASP A 67 -8.22 3.96 0.58
CA ASP A 67 -7.40 2.92 -0.06
C ASP A 67 -5.94 3.00 0.40
N LEU A 68 -5.43 4.21 0.54
CA LEU A 68 -4.04 4.44 0.95
C LEU A 68 -4.03 5.62 1.90
N SER A 69 -3.14 5.54 2.90
CA SER A 69 -2.83 6.65 3.79
C SER A 69 -1.39 7.06 3.44
N ILE A 70 -1.21 8.32 3.08
CA ILE A 70 0.09 8.80 2.60
C ILE A 70 0.47 9.94 3.51
N GLU A 71 1.51 9.72 4.31
CA GLU A 71 2.00 10.71 5.24
C GLU A 71 2.99 11.64 4.54
N VAL A 72 2.77 12.94 4.70
CA VAL A 72 3.61 13.94 4.08
C VAL A 72 4.20 14.85 5.14
N ASP A 73 5.33 15.48 4.85
CA ASP A 73 6.03 16.30 5.83
C ASP A 73 5.78 17.82 5.80
N ASN A 74 4.97 18.27 4.86
CA ASN A 74 4.57 19.66 4.77
C ASN A 74 3.14 19.65 4.23
N PHE A 75 2.21 19.50 5.16
CA PHE A 75 0.80 19.39 4.78
C PHE A 75 0.23 20.62 4.07
N ASP A 76 0.62 21.79 4.54
CA ASP A 76 0.04 23.00 3.95
C ASP A 76 0.47 23.16 2.50
N GLU A 77 1.71 22.80 2.21
N GLU A 77 1.71 22.78 2.21
CA GLU A 77 2.20 22.78 0.84
CA GLU A 77 2.22 22.82 0.86
C GLU A 77 1.40 21.85 -0.06
C GLU A 77 1.57 21.80 -0.10
N VAL A 78 1.21 20.60 0.41
CA VAL A 78 0.51 19.61 -0.38
C VAL A 78 -0.93 20.06 -0.61
N HIS A 79 -1.53 20.62 0.43
CA HIS A 79 -2.89 21.13 0.33
C HIS A 79 -2.99 22.20 -0.76
N ALA A 80 -2.03 23.10 -0.80
CA ALA A 80 -2.02 24.19 -1.76
C ALA A 80 -1.81 23.62 -3.15
N ARG A 81 -0.95 22.60 -3.29
CA ARG A 81 -0.72 22.01 -4.61
C ARG A 81 -1.98 21.38 -5.16
N ILE A 82 -2.68 20.65 -4.28
CA ILE A 82 -3.94 19.98 -4.62
C ILE A 82 -4.97 21.02 -5.10
N LEU A 83 -5.11 22.08 -4.32
CA LEU A 83 -6.03 23.16 -4.71
C LEU A 83 -5.62 23.81 -6.03
N LYS A 84 -4.34 24.09 -6.19
CA LYS A 84 -3.86 24.71 -7.44
C LYS A 84 -4.08 23.81 -8.67
N ALA A 85 -4.07 22.51 -8.46
CA ALA A 85 -4.38 21.52 -9.52
C ALA A 85 -5.88 21.39 -9.76
N GLY A 86 -6.68 22.03 -8.93
CA GLY A 86 -8.14 22.05 -9.10
C GLY A 86 -8.82 20.75 -8.71
N LEU A 87 -8.16 19.95 -7.86
CA LEU A 87 -8.74 18.66 -7.44
C LEU A 87 -9.74 18.86 -6.32
N PRO A 88 -10.94 18.21 -6.43
CA PRO A 88 -11.90 18.35 -5.33
C PRO A 88 -11.40 17.59 -4.12
N ILE A 89 -11.71 18.10 -2.94
CA ILE A 89 -11.29 17.43 -1.70
C ILE A 89 -12.57 16.83 -1.11
N GLU A 90 -12.54 15.53 -0.82
CA GLU A 90 -13.71 14.81 -0.34
C GLU A 90 -13.97 15.01 1.15
N TYR A 91 -12.92 15.17 1.95
CA TYR A 91 -13.08 15.29 3.39
C TYR A 91 -11.92 16.13 3.92
N GLY A 92 -12.19 17.06 4.87
CA GLY A 92 -11.11 17.88 5.42
C GLY A 92 -10.75 19.08 4.55
N PRO A 93 -9.61 19.73 4.84
CA PRO A 93 -8.71 19.30 5.93
C PRO A 93 -9.31 19.42 7.33
N VAL A 94 -8.89 18.51 8.20
CA VAL A 94 -9.28 18.59 9.60
C VAL A 94 -8.22 17.92 10.47
N THR A 95 -8.04 18.45 11.66
CA THR A 95 -7.13 17.84 12.63
C THR A 95 -7.92 16.86 13.50
N GLU A 96 -7.52 15.59 13.44
CA GLU A 96 -8.26 14.52 14.15
C GLU A 96 -7.80 14.38 15.59
N ALA A 97 -8.67 13.80 16.43
CA ALA A 97 -8.37 13.67 17.84
C ALA A 97 -7.14 12.82 18.09
N TRP A 98 -6.81 11.95 17.14
CA TRP A 98 -5.64 11.10 17.35
C TRP A 98 -4.35 11.78 16.93
N GLY A 99 -4.40 13.08 16.61
CA GLY A 99 -3.15 13.86 16.45
C GLY A 99 -2.57 13.88 15.05
N VAL A 100 -3.44 13.80 14.05
CA VAL A 100 -3.01 14.01 12.65
C VAL A 100 -3.83 15.12 12.04
N GLN A 101 -3.27 15.79 11.04
CA GLN A 101 -4.06 16.68 10.20
C GLN A 101 -4.20 15.99 8.85
N ARG A 102 -5.40 15.93 8.30
CA ARG A 102 -5.56 15.16 7.06
C ARG A 102 -6.71 15.64 6.20
N LEU A 103 -6.64 15.22 4.94
CA LEU A 103 -7.74 15.39 3.98
C LEU A 103 -7.83 14.13 3.15
N PHE A 104 -9.01 13.85 2.63
CA PHE A 104 -9.19 12.77 1.65
C PHE A 104 -9.47 13.40 0.27
N LEU A 105 -8.90 12.79 -0.77
CA LEU A 105 -9.28 13.12 -2.12
C LEU A 105 -9.10 11.89 -2.99
N ARG A 106 -9.67 11.95 -4.19
CA ARG A 106 -9.54 10.86 -5.15
C ARG A 106 -8.28 11.00 -5.98
N ASP A 107 -7.62 9.88 -6.26
CA ASP A 107 -6.51 9.91 -7.24
C ASP A 107 -6.99 9.71 -8.68
N PRO A 108 -6.05 9.70 -9.67
CA PRO A 108 -6.53 9.58 -11.06
C PRO A 108 -7.30 8.29 -11.34
N PHE A 109 -7.21 7.33 -10.44
CA PHE A 109 -7.76 5.98 -10.64
C PHE A 109 -8.96 5.75 -9.74
N GLY A 110 -9.45 6.82 -9.13
CA GLY A 110 -10.67 6.76 -8.32
C GLY A 110 -10.44 6.17 -6.96
N LYS A 111 -9.17 5.99 -6.57
CA LYS A 111 -8.85 5.52 -5.21
C LYS A 111 -9.04 6.64 -4.22
N LEU A 112 -9.49 6.31 -3.01
CA LEU A 112 -9.68 7.34 -1.99
C LEU A 112 -8.36 7.42 -1.21
N ILE A 113 -7.73 8.58 -1.30
CA ILE A 113 -6.39 8.79 -0.71
C ILE A 113 -6.52 9.64 0.51
N ASN A 114 -6.00 9.16 1.64
CA ASN A 114 -5.91 9.95 2.88
C ASN A 114 -4.49 10.59 2.91
N ILE A 115 -4.41 11.90 2.71
CA ILE A 115 -3.13 12.63 2.87
C ILE A 115 -3.11 13.22 4.27
N LEU A 116 -2.10 12.84 5.05
CA LEU A 116 -2.04 13.17 6.45
C LEU A 116 -0.65 13.66 6.85
N SER A 117 -0.59 14.37 7.97
CA SER A 117 0.69 14.79 8.54
C SER A 117 0.55 14.78 10.05
N HIS A 118 1.67 14.54 10.73
CA HIS A 118 1.68 14.49 12.20
C HIS A 118 1.08 15.75 12.84
N ALA B 5 9.06 14.71 0.33
CA ALA B 5 7.92 15.16 1.15
C ALA B 5 7.03 14.01 1.62
N VAL B 6 6.98 12.89 0.89
CA VAL B 6 6.19 11.71 1.37
C VAL B 6 7.01 10.85 2.28
N ARG B 7 6.50 10.66 3.49
CA ARG B 7 7.20 9.93 4.54
C ARG B 7 6.84 8.46 4.52
N ARG B 8 5.58 8.15 4.22
CA ARG B 8 5.09 6.78 4.27
C ARG B 8 3.92 6.64 3.33
N VAL B 9 3.79 5.45 2.75
CA VAL B 9 2.56 5.03 2.01
C VAL B 9 2.08 3.72 2.68
N VAL B 10 0.84 3.70 3.17
CA VAL B 10 0.32 2.51 3.84
C VAL B 10 -1.00 2.14 3.24
N ALA B 11 -1.14 0.90 2.71
CA ALA B 11 -2.46 0.47 2.25
C ALA B 11 -3.35 0.17 3.45
N ASN B 12 -4.64 0.46 3.31
CA ASN B 12 -5.60 0.12 4.34
C ASN B 12 -6.55 -0.85 3.74
N ILE B 13 -6.77 -1.95 4.43
CA ILE B 13 -7.71 -2.97 3.99
C ILE B 13 -8.95 -2.87 4.86
N ALA B 14 -10.10 -2.70 4.21
CA ALA B 14 -11.37 -2.53 4.91
C ALA B 14 -11.85 -3.88 5.42
N THR B 15 -12.20 -3.95 6.71
CA THR B 15 -12.74 -5.20 7.26
C THR B 15 -13.51 -4.90 8.54
N PRO B 16 -14.65 -5.59 8.77
CA PRO B 16 -15.37 -5.46 10.04
C PRO B 16 -14.52 -5.87 11.23
N GLU B 17 -13.51 -6.70 10.97
CA GLU B 17 -12.74 -7.28 12.04
C GLU B 17 -11.22 -7.36 11.74
N PRO B 18 -10.47 -6.29 12.10
CA PRO B 18 -9.02 -6.23 11.90
C PRO B 18 -8.23 -7.40 12.49
N ALA B 19 -8.78 -8.04 13.52
CA ALA B 19 -8.10 -9.15 14.21
C ALA B 19 -7.82 -10.31 13.26
N ARG B 20 -8.63 -10.41 12.20
CA ARG B 20 -8.47 -11.44 11.19
C ARG B 20 -7.15 -11.29 10.43
N ALA B 21 -6.50 -10.14 10.52
CA ALA B 21 -5.23 -9.96 9.79
C ALA B 21 -4.10 -10.78 10.44
N GLN B 22 -4.22 -11.05 11.74
CA GLN B 22 -3.12 -11.67 12.47
C GLN B 22 -2.72 -13.03 11.87
N ALA B 23 -3.70 -13.81 11.39
CA ALA B 23 -3.44 -15.16 10.87
C ALA B 23 -2.47 -15.16 9.68
N PHE B 24 -2.48 -14.09 8.91
CA PHE B 24 -1.71 -14.05 7.68
C PHE B 24 -0.50 -13.12 7.84
N TYR B 25 -0.78 -11.86 8.20
CA TYR B 25 0.28 -10.84 8.28
C TYR B 25 1.16 -11.07 9.48
N GLY B 26 0.55 -11.51 10.58
CA GLY B 26 1.31 -11.84 11.77
C GLY B 26 1.95 -13.21 11.67
N ASP B 27 1.12 -14.23 11.60
CA ASP B 27 1.58 -15.61 11.81
C ASP B 27 2.40 -16.17 10.65
N ILE B 28 2.07 -15.75 9.43
CA ILE B 28 2.78 -16.20 8.26
C ILE B 28 3.91 -15.25 7.85
N LEU B 29 3.63 -13.95 7.75
CA LEU B 29 4.61 -12.96 7.31
C LEU B 29 5.53 -12.36 8.39
N GLY B 30 5.26 -12.64 9.66
CA GLY B 30 6.13 -12.19 10.75
C GLY B 30 6.07 -10.68 10.99
N PRO B 32 4.30 -8.17 13.30
CA PRO B 32 3.39 -8.07 14.45
C PRO B 32 2.57 -6.79 14.43
N VAL B 33 1.52 -6.77 15.26
CA VAL B 33 0.75 -5.54 15.47
C VAL B 33 1.71 -4.46 15.99
N ALA B 34 1.76 -3.33 15.30
CA ALA B 34 2.55 -2.19 15.76
C ALA B 34 1.65 -1.21 16.49
N ASP B 36 -2.73 -0.71 17.63
CA ASP B 36 -4.08 -1.20 17.70
C ASP B 36 -4.93 -0.08 18.28
N HIS B 37 -6.05 0.25 17.61
CA HIS B 37 -6.80 1.48 17.92
C HIS B 37 -8.33 1.49 18.08
N GLY B 38 -9.08 0.38 18.16
CA GLY B 38 -8.90 -0.85 17.44
C GLY B 38 -9.90 -0.82 16.27
N TRP B 39 -10.42 0.39 15.93
CA TRP B 39 -11.10 0.59 14.64
C TRP B 39 -10.13 0.42 13.48
N ILE B 40 -8.83 0.54 13.80
CA ILE B 40 -7.73 0.33 12.87
C ILE B 40 -6.57 -0.38 13.59
N VAL B 41 -5.92 -1.33 12.90
CA VAL B 41 -4.80 -2.09 13.46
C VAL B 41 -3.77 -2.03 12.36
N THR B 42 -2.53 -1.72 12.71
CA THR B 42 -1.44 -1.74 11.76
C THR B 42 -0.45 -2.83 12.12
N HIS B 43 -0.15 -3.69 11.14
CA HIS B 43 0.92 -4.66 11.22
C HIS B 43 2.16 -4.10 10.55
N ALA B 44 3.32 -4.35 11.14
CA ALA B 44 4.55 -3.75 10.62
C ALA B 44 5.74 -4.69 10.77
N SER B 45 6.73 -4.49 9.90
CA SER B 45 8.00 -5.21 9.97
C SER B 45 9.08 -4.30 10.57
N PRO B 46 10.17 -4.87 11.09
CA PRO B 46 11.35 -4.06 11.43
C PRO B 46 12.23 -3.57 10.23
N LEU B 47 11.88 -3.86 8.98
CA LEU B 47 12.74 -3.39 7.88
C LEU B 47 12.17 -2.15 7.21
N GLU B 48 13.03 -1.38 6.54
CA GLU B 48 12.61 -0.11 5.93
C GLU B 48 12.87 -0.11 4.42
N ALA B 49 12.03 0.61 3.67
CA ALA B 49 12.39 0.95 2.27
C ALA B 49 11.75 2.29 1.89
N HIS B 50 12.11 2.82 0.73
CA HIS B 50 11.51 4.05 0.23
C HIS B 50 10.02 3.85 0.16
N ALA B 51 9.26 4.89 0.51
CA ALA B 51 7.80 4.84 0.37
C ALA B 51 7.54 4.79 -1.12
N GLN B 52 6.69 3.87 -1.55
CA GLN B 52 6.39 3.73 -3.00
C GLN B 52 5.04 3.17 -3.26
N VAL B 53 4.60 3.31 -4.51
CA VAL B 53 3.29 2.79 -4.94
C VAL B 53 3.49 2.49 -6.41
N SER B 54 2.82 1.45 -6.92
CA SER B 54 3.04 1.01 -8.30
C SER B 54 1.74 1.02 -9.02
N PHE B 55 1.86 1.09 -10.35
CA PHE B 55 0.72 1.27 -11.25
C PHE B 55 1.03 0.35 -12.40
N ALA B 56 0.10 -0.56 -12.68
CA ALA B 56 0.41 -1.71 -13.53
C ALA B 56 -0.81 -2.10 -14.38
N ARG B 57 -0.55 -2.43 -15.63
CA ARG B 57 -1.55 -2.93 -16.60
C ARG B 57 -1.89 -4.41 -16.33
N GLU B 58 -0.97 -5.12 -15.68
CA GLU B 58 -1.09 -6.57 -15.38
C GLU B 58 -0.11 -6.93 -14.28
N GLY B 59 -0.21 -8.13 -13.73
CA GLY B 59 0.71 -8.53 -12.66
C GLY B 59 2.07 -9.00 -13.13
N GLY B 60 2.27 -9.08 -14.44
CA GLY B 60 3.49 -9.67 -14.98
C GLY B 60 3.21 -11.11 -15.39
N SER B 61 3.75 -11.53 -16.54
CA SER B 61 3.47 -12.86 -17.06
C SER B 61 1.98 -13.14 -17.29
N GLY B 62 1.20 -12.08 -17.49
CA GLY B 62 -0.24 -12.16 -17.82
C GLY B 62 -1.15 -12.35 -16.61
N THR B 63 -0.57 -12.31 -15.42
CA THR B 63 -1.34 -12.47 -14.18
C THR B 63 -2.20 -11.22 -13.92
N ASP B 64 -3.18 -11.40 -13.05
CA ASP B 64 -3.94 -10.27 -12.53
C ASP B 64 -2.98 -9.34 -11.79
N VAL B 65 -3.33 -8.05 -11.70
CA VAL B 65 -2.54 -7.13 -10.88
C VAL B 65 -2.76 -7.52 -9.41
N PRO B 66 -1.68 -7.82 -8.69
CA PRO B 66 -1.84 -8.05 -7.25
C PRO B 66 -2.18 -6.78 -6.47
N ASP B 67 -2.99 -6.90 -5.42
CA ASP B 67 -3.34 -5.75 -4.57
C ASP B 67 -2.11 -5.23 -3.85
N LEU B 68 -1.27 -6.15 -3.37
CA LEU B 68 -0.04 -5.78 -2.66
C LEU B 68 1.11 -6.61 -3.14
N SER B 69 2.28 -6.00 -3.14
CA SER B 69 3.52 -6.71 -3.45
C SER B 69 4.35 -6.62 -2.18
N ILE B 70 4.77 -7.78 -1.66
CA ILE B 70 5.41 -7.83 -0.36
C ILE B 70 6.73 -8.51 -0.56
N GLU B 71 7.81 -7.75 -0.35
CA GLU B 71 9.14 -8.30 -0.54
C GLU B 71 9.65 -8.93 0.76
N VAL B 72 10.14 -10.17 0.68
CA VAL B 72 10.60 -10.90 1.84
C VAL B 72 12.06 -11.34 1.64
N ASP B 73 12.78 -11.48 2.74
CA ASP B 73 14.19 -11.89 2.68
C ASP B 73 14.32 -13.39 2.47
N ASN B 74 13.46 -14.17 3.11
CA ASN B 74 13.61 -15.61 3.14
C ASN B 74 12.41 -16.28 2.45
N PHE B 75 12.49 -16.33 1.12
CA PHE B 75 11.38 -16.85 0.33
C PHE B 75 11.00 -18.29 0.68
N ASP B 76 12.00 -19.16 0.79
CA ASP B 76 11.67 -20.56 1.00
C ASP B 76 10.97 -20.80 2.34
N GLU B 77 11.38 -20.07 3.40
CA GLU B 77 10.69 -20.15 4.70
C GLU B 77 9.23 -19.70 4.63
N VAL B 78 8.98 -18.57 3.98
CA VAL B 78 7.60 -18.06 3.84
C VAL B 78 6.78 -19.07 3.06
N HIS B 79 7.35 -19.60 1.98
CA HIS B 79 6.67 -20.57 1.15
C HIS B 79 6.25 -21.80 2.01
N ALA B 80 7.19 -22.31 2.82
CA ALA B 80 6.90 -23.43 3.71
C ALA B 80 5.80 -23.07 4.72
N ARG B 81 5.83 -21.84 5.23
CA ARG B 81 4.84 -21.41 6.22
C ARG B 81 3.48 -21.38 5.61
N ILE B 82 3.41 -20.87 4.39
CA ILE B 82 2.16 -20.79 3.64
C ILE B 82 1.55 -22.18 3.46
N LEU B 83 2.34 -23.10 2.93
CA LEU B 83 1.90 -24.49 2.73
C LEU B 83 1.46 -25.18 4.03
N LYS B 84 2.24 -25.00 5.09
CA LYS B 84 1.91 -25.60 6.39
C LYS B 84 0.60 -25.05 6.96
N ALA B 85 0.29 -23.81 6.59
CA ALA B 85 -0.95 -23.16 7.01
C ALA B 85 -2.17 -23.63 6.18
N GLY B 86 -1.90 -24.41 5.14
CA GLY B 86 -2.96 -24.94 4.27
C GLY B 86 -3.55 -23.95 3.30
N LEU B 87 -2.81 -22.87 3.00
CA LEU B 87 -3.32 -21.82 2.11
C LEU B 87 -3.03 -22.19 0.67
N PRO B 88 -4.06 -22.05 -0.20
CA PRO B 88 -3.80 -22.35 -1.60
C PRO B 88 -2.95 -21.26 -2.25
N ILE B 89 -2.03 -21.67 -3.12
CA ILE B 89 -1.18 -20.75 -3.90
C ILE B 89 -1.79 -20.59 -5.31
N GLU B 90 -2.06 -19.34 -5.72
CA GLU B 90 -2.76 -19.07 -6.97
C GLU B 90 -1.79 -19.03 -8.14
N TYR B 91 -0.54 -18.68 -7.86
CA TYR B 91 0.45 -18.56 -8.93
C TYR B 91 1.82 -18.79 -8.35
N GLY B 92 2.66 -19.55 -9.04
CA GLY B 92 4.04 -19.77 -8.61
C GLY B 92 4.12 -20.86 -7.54
N PRO B 93 5.27 -20.98 -6.86
CA PRO B 93 6.44 -20.12 -7.02
C PRO B 93 7.10 -20.24 -8.39
N VAL B 94 7.62 -19.12 -8.88
CA VAL B 94 8.34 -19.16 -10.14
C VAL B 94 9.35 -18.02 -10.16
N THR B 95 10.45 -18.21 -10.87
CA THR B 95 11.41 -17.13 -11.02
C THR B 95 11.10 -16.37 -12.29
N GLU B 96 10.90 -15.07 -12.16
CA GLU B 96 10.50 -14.20 -13.28
C GLU B 96 11.70 -13.59 -13.98
N ALA B 97 11.44 -12.97 -15.13
CA ALA B 97 12.48 -12.41 -16.01
C ALA B 97 13.08 -11.10 -15.49
N TRP B 98 12.44 -10.50 -14.50
CA TRP B 98 12.90 -9.22 -13.96
C TRP B 98 13.57 -9.40 -12.61
N GLY B 99 14.19 -10.58 -12.43
CA GLY B 99 15.04 -10.87 -11.27
C GLY B 99 14.37 -11.09 -9.93
N VAL B 100 13.20 -11.71 -9.93
CA VAL B 100 12.52 -12.05 -8.66
C VAL B 100 11.98 -13.47 -8.68
N GLN B 101 11.92 -14.08 -7.52
CA GLN B 101 11.09 -15.26 -7.39
C GLN B 101 9.85 -14.85 -6.59
N ARG B 102 8.71 -15.38 -7.00
CA ARG B 102 7.49 -14.90 -6.40
C ARG B 102 6.40 -15.93 -6.46
N LEU B 103 5.40 -15.76 -5.60
CA LEU B 103 4.13 -16.50 -5.70
C LEU B 103 2.99 -15.55 -5.35
N PHE B 104 1.76 -15.89 -5.75
CA PHE B 104 0.61 -15.09 -5.42
C PHE B 104 -0.31 -15.96 -4.55
N LEU B 105 -0.93 -15.35 -3.56
CA LEU B 105 -1.99 -16.07 -2.81
C LEU B 105 -2.97 -15.06 -2.27
N ARG B 106 -4.13 -15.56 -1.81
CA ARG B 106 -5.15 -14.67 -1.23
C ARG B 106 -4.98 -14.51 0.27
N ASP B 107 -5.13 -13.28 0.74
CA ASP B 107 -5.19 -13.01 2.18
C ASP B 107 -6.61 -13.23 2.77
N PRO B 108 -6.78 -13.06 4.09
CA PRO B 108 -8.07 -13.30 4.75
C PRO B 108 -9.22 -12.44 4.23
N PHE B 109 -8.87 -11.39 3.50
CA PHE B 109 -9.84 -10.39 3.06
C PHE B 109 -10.03 -10.52 1.56
N GLY B 110 -9.42 -11.54 0.97
CA GLY B 110 -9.63 -11.79 -0.46
C GLY B 110 -8.69 -11.01 -1.35
N LYS B 111 -7.71 -10.33 -0.75
CA LYS B 111 -6.76 -9.48 -1.51
C LYS B 111 -5.75 -10.42 -2.15
N LEU B 112 -5.31 -10.08 -3.36
CA LEU B 112 -4.30 -10.85 -4.09
C LEU B 112 -2.94 -10.31 -3.69
N ILE B 113 -2.21 -11.17 -3.01
CA ILE B 113 -0.89 -10.83 -2.46
C ILE B 113 0.23 -11.49 -3.24
N ASN B 114 1.15 -10.68 -3.76
CA ASN B 114 2.35 -11.13 -4.40
C ASN B 114 3.49 -11.14 -3.37
N ILE B 115 3.99 -12.33 -3.05
CA ILE B 115 5.11 -12.46 -2.13
C ILE B 115 6.35 -12.69 -3.01
N LEU B 116 7.37 -11.86 -2.90
CA LEU B 116 8.48 -11.94 -3.85
C LEU B 116 9.79 -11.76 -3.14
N SER B 117 10.85 -12.26 -3.75
CA SER B 117 12.19 -12.05 -3.20
C SER B 117 13.17 -11.84 -4.35
#